data_4WS2
#
_entry.id   4WS2
#
_cell.length_a   38.960
_cell.length_b   64.100
_cell.length_c   45.250
_cell.angle_alpha   90.00
_cell.angle_beta   112.55
_cell.angle_gamma   90.00
#
_symmetry.space_group_name_H-M   'P 1 21 1'
#
loop_
_entity.id
_entity.type
_entity.pdbx_description
1 polymer 'Uracil-DNA glycosylase'
2 non-polymer 'CITRIC ACID'
3 non-polymer 6-aminopyrimidine-2,4(3H,5H)-dione
4 non-polymer 'DIMETHYL SULFOXIDE'
5 non-polymer 'CHLORIDE ION'
6 non-polymer 'ISOPROPYL ALCOHOL'
7 water water
#
_entity_poly.entity_id   1
_entity_poly.type   'polypeptide(L)'
_entity_poly.pdbx_seq_one_letter_code
;MHHHHHHGMASMTARPLSELVERGWAAALEPVADQVAHMGQFLRAEIAAGRRYLPAGSNVLRAFTFPFDNVRVLIVGQDP
YPTPGHAVGLSFSVAPDVRPWPRSLANIFDEYTADLGYPLPSNGDLTPWAQRGVLLLNRVLTVRPSNPASHRGKGWEAVT
ECAIRALAARAAPLVAILWGRDASTLKPMLAAGNCVAIESPHPSPLSASRGFFGSRPFSRANELLVGMGAEPIDWRLP
;
_entity_poly.pdbx_strand_id   A
#
loop_
_chem_comp.id
_chem_comp.type
_chem_comp.name
_chem_comp.formula
6UA non-polymer 6-aminopyrimidine-2,4(3H,5H)-dione 'C4 H5 N3 O2'
CIT non-polymer 'CITRIC ACID' 'C6 H8 O7'
CL non-polymer 'CHLORIDE ION' 'Cl -1'
DMS non-polymer 'DIMETHYL SULFOXIDE' 'C2 H6 O S'
IPA non-polymer 'ISOPROPYL ALCOHOL' 'C3 H8 O'
#
# COMPACT_ATOMS: atom_id res chain seq x y z
N SER A 11 -5.89 -12.34 -15.16
CA SER A 11 -6.73 -12.92 -14.09
C SER A 11 -5.93 -13.69 -13.05
N MET A 12 -6.14 -13.34 -11.78
N MET A 12 -6.06 -13.36 -11.78
CA MET A 12 -5.49 -14.00 -10.64
CA MET A 12 -5.27 -14.07 -10.78
C MET A 12 -5.84 -15.46 -10.53
C MET A 12 -5.85 -15.45 -10.45
N THR A 13 -7.05 -15.81 -10.93
CA THR A 13 -7.46 -17.21 -10.88
C THR A 13 -6.79 -18.01 -11.99
N ALA A 14 -6.56 -17.37 -13.14
CA ALA A 14 -6.21 -18.06 -14.38
C ALA A 14 -4.71 -18.11 -14.64
N ARG A 15 -3.95 -17.11 -14.20
CA ARG A 15 -2.53 -17.00 -14.56
C ARG A 15 -1.61 -16.97 -13.37
N PRO A 16 -0.37 -17.45 -13.56
CA PRO A 16 0.54 -17.59 -12.43
C PRO A 16 1.20 -16.26 -12.06
N LEU A 17 1.77 -16.22 -10.87
CA LEU A 17 2.47 -15.02 -10.38
C LEU A 17 3.52 -14.53 -11.35
N SER A 18 4.23 -15.45 -12.04
CA SER A 18 5.26 -15.01 -12.98
C SER A 18 4.70 -14.14 -14.10
N GLU A 19 3.41 -14.27 -14.42
N GLU A 19 3.40 -14.26 -14.36
CA GLU A 19 2.74 -13.39 -15.40
CA GLU A 19 2.74 -13.50 -15.40
C GLU A 19 2.19 -12.13 -14.73
C GLU A 19 1.87 -12.34 -14.85
N LEU A 20 1.66 -12.29 -13.53
CA LEU A 20 0.85 -11.23 -12.89
C LEU A 20 1.67 -10.12 -12.24
N VAL A 21 2.85 -10.47 -11.70
CA VAL A 21 3.61 -9.51 -10.91
C VAL A 21 5.07 -9.50 -11.36
N GLU A 22 5.80 -8.49 -10.90
CA GLU A 22 7.22 -8.33 -11.23
C GLU A 22 8.03 -9.51 -10.70
N ARG A 23 9.16 -9.78 -11.33
CA ARG A 23 9.95 -10.99 -11.05
C ARG A 23 10.28 -11.21 -9.57
N GLY A 24 10.88 -10.20 -8.92
CA GLY A 24 11.19 -10.35 -7.51
C GLY A 24 9.95 -10.62 -6.69
N TRP A 25 8.85 -9.92 -7.01
CA TRP A 25 7.60 -10.17 -6.31
C TRP A 25 7.05 -11.59 -6.52
N ALA A 26 7.21 -12.12 -7.73
CA ALA A 26 6.69 -13.46 -8.01
C ALA A 26 7.38 -14.50 -7.15
N ALA A 27 8.69 -14.33 -6.95
CA ALA A 27 9.41 -15.22 -6.03
C ALA A 27 9.06 -14.96 -4.58
N ALA A 28 8.93 -13.68 -4.20
CA ALA A 28 8.62 -13.36 -2.83
C ALA A 28 7.27 -13.95 -2.42
N LEU A 29 6.32 -13.97 -3.36
CA LEU A 29 4.97 -14.41 -3.08
C LEU A 29 4.76 -15.90 -3.36
N GLU A 30 5.81 -16.62 -3.67
N GLU A 30 5.82 -16.62 -3.68
CA GLU A 30 5.64 -18.05 -3.94
CA GLU A 30 5.68 -18.07 -3.91
C GLU A 30 4.92 -18.81 -2.81
C GLU A 30 4.88 -18.78 -2.81
N PRO A 31 5.17 -18.49 -1.52
CA PRO A 31 4.43 -19.22 -0.48
C PRO A 31 2.91 -19.04 -0.53
N VAL A 32 2.44 -17.96 -1.15
CA VAL A 32 1.02 -17.69 -1.24
C VAL A 32 0.50 -17.80 -2.66
N ALA A 33 1.17 -18.55 -3.53
CA ALA A 33 0.67 -18.72 -4.89
C ALA A 33 -0.75 -19.31 -4.95
N ASP A 34 -0.97 -20.38 -4.21
CA ASP A 34 -2.30 -20.96 -4.17
C ASP A 34 -3.32 -20.01 -3.58
N GLN A 35 -2.90 -19.28 -2.54
CA GLN A 35 -3.80 -18.33 -1.91
C GLN A 35 -4.22 -17.21 -2.86
N VAL A 36 -3.27 -16.73 -3.67
CA VAL A 36 -3.63 -15.70 -4.66
C VAL A 36 -4.66 -16.25 -5.65
N ALA A 37 -4.46 -17.48 -6.14
CA ALA A 37 -5.45 -18.12 -7.00
C ALA A 37 -6.81 -18.24 -6.29
N HIS A 38 -6.77 -18.63 -5.01
N HIS A 38 -6.79 -18.64 -5.02
CA HIS A 38 -7.98 -18.68 -4.16
CA HIS A 38 -8.04 -18.71 -4.28
C HIS A 38 -8.71 -17.35 -4.09
C HIS A 38 -8.72 -17.35 -4.16
N MET A 39 -7.94 -16.26 -4.03
CA MET A 39 -8.56 -14.92 -4.02
C MET A 39 -9.23 -14.62 -5.35
N GLY A 40 -8.64 -15.04 -6.45
CA GLY A 40 -9.32 -14.93 -7.72
C GLY A 40 -10.63 -15.67 -7.75
N GLN A 41 -10.67 -16.86 -7.16
CA GLN A 41 -11.90 -17.62 -7.05
C GLN A 41 -12.93 -16.95 -6.14
N PHE A 42 -12.47 -16.32 -5.07
CA PHE A 42 -13.35 -15.55 -4.24
C PHE A 42 -14.01 -14.40 -5.00
N LEU A 43 -13.21 -13.67 -5.77
CA LEU A 43 -13.77 -12.55 -6.53
C LEU A 43 -14.75 -13.01 -7.61
N ARG A 44 -14.44 -14.13 -8.25
CA ARG A 44 -15.38 -14.75 -9.18
C ARG A 44 -16.72 -15.08 -8.48
N ALA A 45 -16.63 -15.65 -7.29
CA ALA A 45 -17.82 -16.00 -6.53
C ALA A 45 -18.62 -14.78 -6.13
N GLU A 46 -17.94 -13.67 -5.81
CA GLU A 46 -18.65 -12.45 -5.50
C GLU A 46 -19.48 -11.99 -6.67
N ILE A 47 -18.86 -11.97 -7.84
CA ILE A 47 -19.58 -11.55 -9.06
C ILE A 47 -20.74 -12.51 -9.33
N ALA A 48 -20.50 -13.82 -9.23
CA ALA A 48 -21.59 -14.79 -9.44
C ALA A 48 -22.75 -14.55 -8.48
N ALA A 49 -22.46 -14.11 -7.27
CA ALA A 49 -23.48 -13.84 -6.27
C ALA A 49 -24.18 -12.50 -6.42
N GLY A 50 -23.68 -11.64 -7.29
CA GLY A 50 -24.26 -10.35 -7.49
C GLY A 50 -23.65 -9.20 -6.72
N ARG A 51 -22.40 -9.36 -6.26
CA ARG A 51 -21.64 -8.30 -5.60
C ARG A 51 -20.44 -7.95 -6.49
N ARG A 52 -19.97 -6.73 -6.38
CA ARG A 52 -18.84 -6.24 -7.16
C ARG A 52 -17.63 -6.05 -6.23
N TYR A 53 -16.50 -5.68 -6.83
CA TYR A 53 -15.31 -5.39 -6.06
C TYR A 53 -14.50 -4.29 -6.71
N LEU A 54 -13.65 -3.69 -5.89
CA LEU A 54 -12.74 -2.65 -6.30
C LEU A 54 -11.37 -2.97 -5.73
N PRO A 55 -10.29 -2.55 -6.39
CA PRO A 55 -10.23 -1.96 -7.72
C PRO A 55 -10.54 -3.01 -8.79
N ALA A 56 -10.48 -2.58 -10.04
CA ALA A 56 -10.62 -3.52 -11.16
C ALA A 56 -9.65 -4.69 -10.99
N GLY A 57 -10.06 -5.86 -11.50
CA GLY A 57 -9.27 -7.06 -11.35
C GLY A 57 -7.82 -6.85 -11.79
N SER A 58 -7.62 -6.17 -12.91
CA SER A 58 -6.29 -5.99 -13.45
C SER A 58 -5.38 -5.10 -12.59
N ASN A 59 -5.97 -4.34 -11.67
CA ASN A 59 -5.23 -3.48 -10.75
C ASN A 59 -5.06 -4.02 -9.36
N VAL A 60 -5.69 -5.13 -9.03
CA VAL A 60 -5.66 -5.61 -7.64
C VAL A 60 -4.24 -5.79 -7.12
N LEU A 61 -3.38 -6.40 -7.95
CA LEU A 61 -2.00 -6.69 -7.59
C LEU A 61 -1.01 -5.65 -8.07
N ARG A 62 -1.49 -4.45 -8.42
CA ARG A 62 -0.63 -3.47 -9.06
C ARG A 62 0.57 -3.07 -8.21
N ALA A 63 0.44 -3.04 -6.89
CA ALA A 63 1.58 -2.66 -6.07
C ALA A 63 2.78 -3.56 -6.30
N PHE A 64 2.51 -4.82 -6.67
CA PHE A 64 3.55 -5.84 -6.90
C PHE A 64 4.07 -5.85 -8.32
N THR A 65 3.72 -4.83 -9.11
CA THR A 65 4.29 -4.67 -10.44
C THR A 65 5.49 -3.70 -10.47
N PHE A 66 5.78 -3.08 -9.34
CA PHE A 66 6.98 -2.27 -9.20
C PHE A 66 8.02 -3.15 -8.51
N PRO A 67 9.31 -2.95 -8.78
CA PRO A 67 10.28 -3.97 -8.37
C PRO A 67 10.45 -4.19 -6.88
N PHE A 68 10.32 -5.43 -6.47
CA PHE A 68 10.52 -5.84 -5.09
C PHE A 68 11.88 -5.40 -4.53
N ASP A 69 12.93 -5.59 -5.32
CA ASP A 69 14.29 -5.29 -4.85
C ASP A 69 14.53 -3.80 -4.66
N ASN A 70 13.67 -2.96 -5.23
CA ASN A 70 13.83 -1.51 -5.17
C ASN A 70 13.05 -0.86 -4.07
N VAL A 71 12.23 -1.62 -3.35
CA VAL A 71 11.43 -1.00 -2.29
C VAL A 71 12.36 -0.53 -1.17
N ARG A 72 12.23 0.74 -0.76
N ARG A 72 12.19 0.74 -0.75
CA ARG A 72 12.91 1.24 0.44
CA ARG A 72 12.86 1.35 0.40
C ARG A 72 11.91 1.67 1.53
C ARG A 72 11.90 1.68 1.52
N VAL A 73 10.70 2.10 1.15
CA VAL A 73 9.66 2.42 2.10
C VAL A 73 8.42 1.67 1.76
N LEU A 74 7.76 1.13 2.76
CA LEU A 74 6.48 0.50 2.65
C LEU A 74 5.45 1.36 3.35
N ILE A 75 4.36 1.72 2.66
CA ILE A 75 3.20 2.33 3.27
C ILE A 75 2.07 1.31 3.23
N VAL A 76 1.45 1.05 4.37
CA VAL A 76 0.34 0.11 4.40
C VAL A 76 -0.89 0.77 5.01
N GLY A 77 -1.99 0.72 4.25
CA GLY A 77 -3.27 1.06 4.77
C GLY A 77 -4.15 -0.15 5.01
N GLN A 78 -5.46 0.11 5.08
CA GLN A 78 -6.44 -0.89 5.43
C GLN A 78 -6.94 -1.68 4.24
N ASP A 79 -7.57 -0.99 3.30
CA ASP A 79 -8.23 -1.62 2.16
C ASP A 79 -8.50 -0.50 1.15
N PRO A 80 -8.91 -0.86 -0.09
CA PRO A 80 -9.02 0.19 -1.12
C PRO A 80 -10.15 1.16 -0.91
N TYR A 81 -10.08 2.27 -1.62
CA TYR A 81 -11.18 3.22 -1.62
C TYR A 81 -12.46 2.50 -2.00
N PRO A 82 -13.59 2.83 -1.32
CA PRO A 82 -14.82 2.14 -1.62
C PRO A 82 -15.67 2.76 -2.73
N THR A 83 -15.30 3.93 -3.24
CA THR A 83 -16.06 4.57 -4.34
C THR A 83 -15.60 4.13 -5.68
N PRO A 84 -16.53 3.62 -6.53
CA PRO A 84 -16.10 3.29 -7.88
C PRO A 84 -15.40 4.49 -8.53
N GLY A 85 -14.29 4.23 -9.18
CA GLY A 85 -13.56 5.31 -9.83
C GLY A 85 -12.41 5.86 -9.00
N HIS A 86 -12.25 5.44 -7.75
CA HIS A 86 -11.16 5.91 -6.94
C HIS A 86 -9.98 4.95 -6.85
N ALA A 87 -10.20 3.71 -6.40
CA ALA A 87 -9.07 2.81 -6.18
C ALA A 87 -8.41 2.41 -7.48
N VAL A 88 -7.07 2.40 -7.45
CA VAL A 88 -6.26 2.07 -8.64
C VAL A 88 -5.27 0.97 -8.36
N GLY A 89 -5.31 0.34 -7.17
CA GLY A 89 -4.37 -0.74 -6.87
C GLY A 89 -3.07 -0.29 -6.23
N LEU A 90 -2.88 1.01 -6.04
CA LEU A 90 -1.81 1.57 -5.25
C LEU A 90 -2.51 2.26 -4.09
N SER A 91 -2.19 1.89 -2.86
CA SER A 91 -2.92 2.41 -1.73
C SER A 91 -2.89 3.94 -1.73
N PHE A 92 -4.08 4.50 -1.45
CA PHE A 92 -4.33 5.94 -1.30
C PHE A 92 -4.29 6.75 -2.59
N SER A 93 -3.76 6.19 -3.65
CA SER A 93 -3.62 6.92 -4.90
C SER A 93 -4.94 7.01 -5.65
N VAL A 94 -5.09 8.06 -6.44
CA VAL A 94 -6.21 8.16 -7.39
C VAL A 94 -5.65 8.55 -8.76
N ALA A 95 -6.45 8.35 -9.78
CA ALA A 95 -6.07 8.77 -11.14
C ALA A 95 -5.87 10.28 -11.17
N PRO A 96 -4.97 10.75 -12.06
CA PRO A 96 -4.66 12.19 -12.08
C PRO A 96 -5.86 13.12 -12.34
N ASP A 97 -6.93 12.58 -12.93
CA ASP A 97 -8.09 13.38 -13.23
C ASP A 97 -9.17 13.37 -12.14
N VAL A 98 -8.93 12.69 -11.03
CA VAL A 98 -9.93 12.60 -9.97
C VAL A 98 -9.95 13.85 -9.13
N ARG A 99 -11.11 14.50 -9.06
N ARG A 99 -11.18 14.31 -8.89
CA ARG A 99 -11.32 15.60 -8.10
CA ARG A 99 -11.46 15.37 -7.93
C ARG A 99 -12.81 15.66 -7.81
C ARG A 99 -12.94 15.41 -7.66
N PRO A 100 -13.20 15.99 -6.57
N PRO A 100 -13.33 15.86 -6.46
CA PRO A 100 -12.33 16.27 -5.45
CA PRO A 100 -12.50 16.16 -5.31
C PRO A 100 -11.61 15.01 -4.94
C PRO A 100 -11.70 14.97 -4.83
N TRP A 101 -10.55 15.24 -4.19
CA TRP A 101 -9.79 14.15 -3.59
C TRP A 101 -10.59 13.48 -2.50
N PRO A 102 -10.46 12.14 -2.37
CA PRO A 102 -11.01 11.51 -1.21
C PRO A 102 -10.44 12.06 0.06
N ARG A 103 -11.21 11.96 1.13
CA ARG A 103 -10.82 12.56 2.39
C ARG A 103 -9.52 12.02 2.97
N SER A 104 -9.25 10.72 2.88
CA SER A 104 -7.98 10.22 3.41
C SER A 104 -6.82 10.87 2.70
N LEU A 105 -6.95 11.03 1.37
CA LEU A 105 -5.89 11.62 0.59
C LEU A 105 -5.69 13.09 0.90
N ALA A 106 -6.78 13.81 1.03
CA ALA A 106 -6.65 15.22 1.43
C ALA A 106 -5.89 15.34 2.76
N ASN A 107 -6.17 14.44 3.71
CA ASN A 107 -5.47 14.46 4.98
C ASN A 107 -4.01 14.09 4.82
N ILE A 108 -3.69 13.05 4.02
CA ILE A 108 -2.30 12.74 3.72
C ILE A 108 -1.59 13.95 3.15
N PHE A 109 -2.20 14.64 2.20
CA PHE A 109 -1.52 15.76 1.59
C PHE A 109 -1.36 16.95 2.56
N ASP A 110 -2.33 17.10 3.47
N ASP A 110 -2.30 17.14 3.49
CA ASP A 110 -2.20 18.09 4.52
CA ASP A 110 -2.11 18.20 4.49
C ASP A 110 -0.92 17.83 5.31
C ASP A 110 -0.90 17.85 5.37
N GLU A 111 -0.74 16.59 5.74
CA GLU A 111 0.46 16.23 6.51
C GLU A 111 1.73 16.34 5.67
N TYR A 112 1.66 15.93 4.40
CA TYR A 112 2.79 16.11 3.49
C TYR A 112 3.26 17.56 3.46
N THR A 113 2.34 18.51 3.30
CA THR A 113 2.74 19.90 3.28
C THR A 113 3.31 20.37 4.62
N ALA A 114 2.67 19.95 5.72
CA ALA A 114 3.14 20.37 7.04
C ALA A 114 4.55 19.80 7.35
N ASP A 115 4.76 18.53 6.99
CA ASP A 115 6.00 17.84 7.31
C ASP A 115 7.17 18.33 6.43
N LEU A 116 6.91 18.36 5.13
CA LEU A 116 7.95 18.61 4.14
C LEU A 116 8.06 20.04 3.64
N GLY A 117 6.99 20.81 3.81
CA GLY A 117 6.99 22.23 3.39
C GLY A 117 6.75 22.42 1.91
N TYR A 118 6.43 21.34 1.21
CA TYR A 118 6.11 21.40 -0.21
C TYR A 118 4.70 21.93 -0.40
N PRO A 119 4.43 22.52 -1.57
CA PRO A 119 3.07 22.96 -1.88
C PRO A 119 2.15 21.77 -1.99
N LEU A 120 0.86 21.99 -1.94
CA LEU A 120 -0.05 20.91 -2.14
C LEU A 120 0.20 20.33 -3.54
N PRO A 121 0.14 19.01 -3.68
CA PRO A 121 0.23 18.40 -5.00
C PRO A 121 -0.83 18.87 -5.96
N SER A 122 -0.50 18.81 -7.25
CA SER A 122 -1.43 19.17 -8.30
C SER A 122 -2.62 18.20 -8.43
N ASN A 123 -2.40 16.92 -8.15
CA ASN A 123 -3.45 15.92 -8.25
C ASN A 123 -3.13 14.80 -7.26
N GLY A 124 -4.00 13.78 -7.25
CA GLY A 124 -3.88 12.68 -6.33
C GLY A 124 -3.11 11.45 -6.77
N ASP A 125 -2.37 11.56 -7.85
CA ASP A 125 -1.64 10.43 -8.41
C ASP A 125 -0.31 10.26 -7.68
N LEU A 126 -0.19 9.14 -6.97
CA LEU A 126 0.97 8.78 -6.20
C LEU A 126 1.95 7.88 -6.95
N THR A 127 1.73 7.66 -8.24
N THR A 127 1.72 7.68 -8.23
CA THR A 127 2.70 6.85 -9.00
CA THR A 127 2.64 6.89 -9.00
C THR A 127 4.16 7.33 -8.88
C THR A 127 4.11 7.33 -8.90
N PRO A 128 4.43 8.64 -8.75
CA PRO A 128 5.84 8.98 -8.57
C PRO A 128 6.45 8.28 -7.36
N TRP A 129 5.70 8.20 -6.24
CA TRP A 129 6.24 7.49 -5.10
C TRP A 129 6.53 6.04 -5.42
N ALA A 130 5.60 5.37 -6.09
CA ALA A 130 5.78 3.96 -6.47
C ALA A 130 6.99 3.78 -7.36
N GLN A 131 7.24 4.73 -8.26
CA GLN A 131 8.38 4.70 -9.17
C GLN A 131 9.71 5.01 -8.52
N ARG A 132 9.66 5.48 -7.28
CA ARG A 132 10.85 5.88 -6.51
C ARG A 132 11.11 4.97 -5.34
N GLY A 133 10.48 3.80 -5.30
CA GLY A 133 10.76 2.84 -4.23
C GLY A 133 9.85 2.83 -3.04
N VAL A 134 8.67 3.42 -3.15
CA VAL A 134 7.68 3.36 -2.10
C VAL A 134 6.62 2.35 -2.50
N LEU A 135 6.41 1.32 -1.67
CA LEU A 135 5.39 0.31 -1.94
C LEU A 135 4.10 0.78 -1.30
N LEU A 136 3.07 0.92 -2.12
CA LEU A 136 1.77 1.47 -1.67
C LEU A 136 0.78 0.32 -1.49
N LEU A 137 0.89 -0.31 -0.32
CA LEU A 137 0.12 -1.51 -0.04
C LEU A 137 -1.10 -1.21 0.83
N ASN A 138 -2.10 -2.09 0.76
CA ASN A 138 -3.14 -2.19 1.74
C ASN A 138 -3.10 -3.58 2.37
N ARG A 139 -3.55 -3.70 3.62
CA ARG A 139 -3.57 -4.99 4.28
C ARG A 139 -4.47 -5.99 3.54
N VAL A 140 -5.57 -5.47 3.02
CA VAL A 140 -6.53 -6.21 2.22
C VAL A 140 -6.65 -5.52 0.86
N LEU A 141 -6.68 -6.28 -0.23
CA LEU A 141 -6.47 -5.73 -1.56
C LEU A 141 -7.73 -5.50 -2.39
N THR A 142 -8.89 -5.87 -1.86
CA THR A 142 -10.15 -5.58 -2.54
C THR A 142 -11.18 -5.14 -1.50
N VAL A 143 -12.25 -4.53 -1.99
CA VAL A 143 -13.36 -4.11 -1.17
C VAL A 143 -14.61 -4.14 -2.03
N ARG A 144 -15.76 -4.40 -1.40
CA ARG A 144 -17.03 -4.24 -2.12
C ARG A 144 -17.37 -2.75 -2.21
N PRO A 145 -17.85 -2.27 -3.36
CA PRO A 145 -18.19 -0.85 -3.48
C PRO A 145 -19.06 -0.39 -2.32
N SER A 146 -18.71 0.79 -1.82
CA SER A 146 -19.46 1.50 -0.81
C SER A 146 -19.41 0.89 0.58
N ASN A 147 -18.60 -0.15 0.78
CA ASN A 147 -18.61 -0.91 2.03
C ASN A 147 -17.18 -1.12 2.57
N PRO A 148 -16.58 -0.10 3.19
CA PRO A 148 -15.23 -0.26 3.75
C PRO A 148 -15.10 -1.50 4.64
N ALA A 149 -13.97 -2.18 4.50
CA ALA A 149 -13.61 -3.36 5.30
C ALA A 149 -14.44 -4.59 4.99
N SER A 150 -15.24 -4.55 3.91
CA SER A 150 -16.09 -5.68 3.59
C SER A 150 -15.34 -6.95 3.21
N HIS A 151 -14.09 -6.85 2.75
CA HIS A 151 -13.31 -8.05 2.45
C HIS A 151 -12.31 -8.42 3.51
N ARG A 152 -12.40 -7.79 4.68
CA ARG A 152 -11.56 -8.21 5.80
C ARG A 152 -11.79 -9.68 6.11
N GLY A 153 -10.71 -10.41 6.34
CA GLY A 153 -10.82 -11.78 6.76
C GLY A 153 -11.23 -12.75 5.69
N LYS A 154 -11.09 -12.39 4.42
CA LYS A 154 -11.48 -13.24 3.30
C LYS A 154 -10.31 -13.89 2.60
N GLY A 155 -9.09 -13.68 3.12
CA GLY A 155 -7.94 -14.38 2.59
C GLY A 155 -6.79 -13.48 2.14
N TRP A 156 -7.03 -12.17 1.97
CA TRP A 156 -5.90 -11.32 1.57
C TRP A 156 -4.82 -11.19 2.62
N GLU A 157 -5.18 -11.30 3.88
CA GLU A 157 -4.22 -11.03 4.94
C GLU A 157 -3.00 -11.95 4.79
N ALA A 158 -3.17 -13.21 4.45
CA ALA A 158 -2.03 -14.10 4.28
C ALA A 158 -1.12 -13.61 3.18
N VAL A 159 -1.71 -13.01 2.14
CA VAL A 159 -0.91 -12.53 1.00
C VAL A 159 -0.04 -11.33 1.44
N THR A 160 -0.65 -10.36 2.12
CA THR A 160 0.12 -9.20 2.51
C THR A 160 1.10 -9.49 3.65
N GLU A 161 0.76 -10.44 4.53
CA GLU A 161 1.71 -10.95 5.50
C GLU A 161 2.95 -11.50 4.80
N CYS A 162 2.75 -12.34 3.78
CA CYS A 162 3.86 -12.93 3.05
C CYS A 162 4.72 -11.84 2.39
N ALA A 163 4.05 -10.84 1.78
CA ALA A 163 4.77 -9.72 1.17
C ALA A 163 5.69 -9.01 2.18
N ILE A 164 5.15 -8.74 3.36
CA ILE A 164 5.96 -8.05 4.38
C ILE A 164 7.10 -8.93 4.87
N ARG A 165 6.86 -10.22 5.12
CA ARG A 165 7.94 -11.08 5.55
C ARG A 165 9.06 -11.08 4.55
N ALA A 166 8.69 -11.20 3.28
CA ALA A 166 9.69 -11.23 2.26
C ALA A 166 10.48 -9.95 2.19
N LEU A 167 9.82 -8.80 2.26
CA LEU A 167 10.53 -7.54 2.25
C LEU A 167 11.50 -7.48 3.41
N ALA A 168 11.02 -7.87 4.60
CA ALA A 168 11.87 -7.79 5.80
C ALA A 168 13.08 -8.73 5.72
N ALA A 169 12.99 -9.80 4.95
CA ALA A 169 14.07 -10.80 4.87
C ALA A 169 15.17 -10.38 3.88
N ARG A 170 14.89 -9.41 3.02
CA ARG A 170 15.91 -8.93 2.06
C ARG A 170 17.11 -8.34 2.76
N ALA A 171 18.24 -8.44 2.06
CA ALA A 171 19.52 -7.85 2.46
C ALA A 171 19.52 -6.45 2.03
N ALA A 172 18.61 -5.71 2.60
CA ALA A 172 18.39 -4.33 2.24
C ALA A 172 17.67 -3.61 3.34
N PRO A 173 17.80 -2.29 3.35
CA PRO A 173 17.06 -1.46 4.27
C PRO A 173 15.58 -1.33 3.94
N LEU A 174 14.77 -1.27 4.98
CA LEU A 174 13.35 -1.04 4.81
C LEU A 174 12.83 -0.18 5.95
N VAL A 175 12.03 0.81 5.60
CA VAL A 175 11.23 1.54 6.58
C VAL A 175 9.75 1.30 6.30
N ALA A 176 9.00 0.92 7.33
CA ALA A 176 7.55 0.71 7.17
C ALA A 176 6.78 1.83 7.84
N ILE A 177 5.75 2.29 7.16
CA ILE A 177 4.79 3.22 7.67
C ILE A 177 3.43 2.49 7.68
N LEU A 178 2.92 2.26 8.89
CA LEU A 178 1.70 1.50 9.07
C LEU A 178 0.60 2.43 9.52
N TRP A 179 -0.40 2.62 8.66
CA TRP A 179 -1.47 3.56 8.92
C TRP A 179 -2.74 2.82 9.31
N GLY A 180 -3.04 2.87 10.61
CA GLY A 180 -4.25 2.24 11.12
C GLY A 180 -4.08 0.85 11.70
N ARG A 181 -5.19 0.37 12.25
CA ARG A 181 -5.13 -0.84 13.06
C ARG A 181 -4.85 -2.10 12.22
N ASP A 182 -5.51 -2.24 11.08
CA ASP A 182 -5.28 -3.45 10.30
C ASP A 182 -3.84 -3.49 9.81
N ALA A 183 -3.33 -2.35 9.34
CA ALA A 183 -1.93 -2.28 8.93
C ALA A 183 -0.99 -2.66 10.08
N SER A 184 -1.33 -2.23 11.30
CA SER A 184 -0.50 -2.46 12.46
C SER A 184 -0.34 -3.93 12.82
N THR A 185 -1.21 -4.80 12.30
CA THR A 185 -1.05 -6.24 12.57
C THR A 185 0.15 -6.83 11.81
N LEU A 186 0.80 -6.05 10.96
CA LEU A 186 2.03 -6.47 10.30
C LEU A 186 3.24 -6.20 11.15
N LYS A 187 3.07 -5.47 12.26
CA LYS A 187 4.24 -5.11 13.06
C LYS A 187 5.07 -6.33 13.54
N PRO A 188 4.44 -7.43 14.01
CA PRO A 188 5.31 -8.52 14.49
C PRO A 188 6.25 -9.04 13.43
N MET A 189 5.78 -9.07 12.21
CA MET A 189 6.58 -9.59 11.12
C MET A 189 7.75 -8.65 10.75
N LEU A 190 7.57 -7.38 11.05
CA LEU A 190 8.59 -6.38 10.76
C LEU A 190 9.81 -6.40 11.76
N ALA A 191 9.86 -7.36 12.71
CA ALA A 191 10.93 -7.48 13.77
C ALA A 191 12.46 -7.44 13.41
N ALA A 192 12.75 -7.76 12.15
CA ALA A 192 14.10 -7.77 11.55
C ALA A 192 15.02 -6.54 11.76
N GLY A 193 16.28 -6.77 12.18
CA GLY A 193 17.31 -5.70 12.35
C GLY A 193 17.48 -4.64 11.23
N ASN A 194 17.34 -5.08 9.97
CA ASN A 194 17.32 -4.22 8.74
C ASN A 194 16.02 -3.41 8.50
N CYS A 195 15.04 -3.54 9.39
N CYS A 195 15.05 -3.53 9.39
CA CYS A 195 13.70 -2.96 9.23
CA CYS A 195 13.75 -2.92 9.18
C CYS A 195 13.39 -2.07 10.41
C CYS A 195 13.33 -2.11 10.40
N VAL A 196 12.71 -0.96 10.15
CA VAL A 196 12.13 -0.15 11.22
C VAL A 196 10.73 0.29 10.86
N ALA A 197 9.85 0.32 11.85
CA ALA A 197 8.44 0.64 11.65
C ALA A 197 8.09 1.92 12.36
N ILE A 198 7.41 2.79 11.61
CA ILE A 198 6.65 3.90 12.12
C ILE A 198 5.15 3.46 12.12
N GLU A 199 4.48 3.61 13.25
CA GLU A 199 3.04 3.38 13.35
C GLU A 199 2.28 4.64 13.74
N SER A 200 1.15 4.93 13.04
N SER A 200 1.13 4.84 13.09
CA SER A 200 0.27 6.01 13.46
CA SER A 200 0.32 6.01 13.32
C SER A 200 -1.17 5.67 13.14
C SER A 200 -1.16 5.58 13.21
N PRO A 201 -2.08 6.40 13.76
CA PRO A 201 -3.46 6.30 13.33
C PRO A 201 -3.61 6.54 11.84
N HIS A 202 -4.67 6.00 11.31
CA HIS A 202 -5.01 6.12 9.91
C HIS A 202 -5.38 7.57 9.57
N PRO A 203 -5.07 7.99 8.33
CA PRO A 203 -5.37 9.36 7.92
C PRO A 203 -6.84 9.66 7.69
N SER A 204 -7.69 8.65 7.69
CA SER A 204 -9.11 8.89 7.53
C SER A 204 -9.59 9.90 8.57
N PRO A 205 -10.62 10.71 8.25
CA PRO A 205 -11.22 11.57 9.27
C PRO A 205 -11.65 10.85 10.55
N LEU A 206 -11.94 9.57 10.46
CA LEU A 206 -12.36 8.82 11.64
C LEU A 206 -11.27 8.74 12.70
N SER A 207 -10.01 8.82 12.30
CA SER A 207 -8.92 8.61 13.24
C SER A 207 -7.79 9.61 13.15
N ALA A 208 -7.78 10.48 12.13
CA ALA A 208 -6.58 11.27 11.87
C ALA A 208 -6.21 12.17 13.05
N SER A 209 -7.23 12.67 13.77
CA SER A 209 -6.97 13.59 14.87
C SER A 209 -6.47 12.88 16.13
N ARG A 210 -6.32 11.55 16.09
CA ARG A 210 -5.77 10.77 17.18
C ARG A 210 -4.28 10.67 17.10
N GLY A 211 -3.65 11.28 16.08
CA GLY A 211 -2.19 11.17 15.96
C GLY A 211 -1.66 11.10 14.55
N PHE A 212 -2.51 11.09 13.52
CA PHE A 212 -1.98 11.17 12.16
C PHE A 212 -1.42 12.57 11.87
N PHE A 213 -2.22 13.60 12.11
CA PHE A 213 -1.70 14.95 11.93
C PHE A 213 -0.57 15.19 12.91
N GLY A 214 0.52 15.74 12.41
CA GLY A 214 1.72 15.93 13.21
C GLY A 214 2.65 14.74 13.27
N SER A 215 2.30 13.62 12.64
CA SER A 215 3.13 12.43 12.71
C SER A 215 4.40 12.50 11.85
N ARG A 216 4.46 13.43 10.88
CA ARG A 216 5.69 13.66 10.13
C ARG A 216 6.30 12.34 9.58
N PRO A 217 5.51 11.52 8.88
CA PRO A 217 6.01 10.21 8.49
C PRO A 217 7.07 10.28 7.40
N PHE A 218 7.00 11.29 6.56
CA PHE A 218 7.84 11.36 5.38
C PHE A 218 9.28 11.74 5.75
N SER A 219 9.40 12.79 6.55
CA SER A 219 10.74 13.16 7.06
C SER A 219 11.32 12.12 8.02
N ARG A 220 10.46 11.51 8.85
CA ARG A 220 10.95 10.45 9.74
C ARG A 220 11.48 9.28 8.92
N ALA A 221 10.75 8.86 7.88
CA ALA A 221 11.20 7.76 7.07
C ALA A 221 12.57 8.07 6.47
N ASN A 222 12.76 9.29 5.99
CA ASN A 222 14.04 9.65 5.40
C ASN A 222 15.18 9.68 6.42
N GLU A 223 14.94 10.16 7.63
N GLU A 223 14.88 10.16 7.61
CA GLU A 223 15.98 10.09 8.67
CA GLU A 223 15.83 10.15 8.70
C GLU A 223 16.34 8.64 8.95
C GLU A 223 16.29 8.71 9.03
N LEU A 224 15.33 7.78 9.02
CA LEU A 224 15.60 6.36 9.24
C LEU A 224 16.38 5.74 8.11
N LEU A 225 16.03 6.04 6.87
CA LEU A 225 16.78 5.49 5.72
C LEU A 225 18.25 5.92 5.76
N VAL A 226 18.47 7.21 5.96
CA VAL A 226 19.83 7.73 5.99
C VAL A 226 20.61 7.11 7.13
N GLY A 227 19.97 6.93 8.28
CA GLY A 227 20.65 6.21 9.37
C GLY A 227 21.02 4.73 9.14
N MET A 228 20.38 4.10 8.15
N MET A 228 20.41 4.07 8.17
CA MET A 228 20.71 2.72 7.74
CA MET A 228 20.84 2.72 7.82
C MET A 228 21.67 2.71 6.53
C MET A 228 21.58 2.73 6.48
N GLY A 229 22.10 3.91 6.11
CA GLY A 229 22.95 4.06 4.93
C GLY A 229 22.26 3.98 3.59
N ALA A 230 20.95 4.17 3.58
CA ALA A 230 20.16 4.18 2.35
C ALA A 230 19.89 5.61 1.89
N GLU A 231 19.57 5.74 0.60
CA GLU A 231 19.16 7.02 0.09
C GLU A 231 17.73 7.39 0.57
N PRO A 232 17.49 8.66 0.90
CA PRO A 232 16.11 9.06 1.24
C PRO A 232 15.19 9.03 0.04
N ILE A 233 13.90 8.97 0.29
CA ILE A 233 12.91 9.09 -0.78
C ILE A 233 12.75 10.55 -1.19
N ASP A 234 12.69 10.82 -2.50
CA ASP A 234 12.23 12.11 -2.95
C ASP A 234 10.70 12.07 -2.96
N TRP A 235 10.10 12.65 -1.94
CA TRP A 235 8.67 12.64 -1.80
C TRP A 235 7.94 13.66 -2.68
N ARG A 236 8.67 14.58 -3.30
N ARG A 236 8.67 14.57 -3.31
CA ARG A 236 8.00 15.69 -3.97
CA ARG A 236 8.03 15.69 -3.99
C ARG A 236 7.12 15.27 -5.12
C ARG A 236 7.12 15.27 -5.12
N LEU A 237 5.85 15.64 -5.04
CA LEU A 237 4.93 15.40 -6.12
C LEU A 237 4.78 16.69 -6.94
N PRO A 238 4.48 16.57 -8.23
CA PRO A 238 4.28 17.76 -9.04
C PRO A 238 2.97 18.45 -8.74
C1 CIT B . -16.19 7.85 0.51
O1 CIT B . -16.42 9.10 0.44
O2 CIT B . -16.80 6.99 -0.19
C2 CIT B . -15.17 7.30 1.50
C3 CIT B . -13.77 7.85 1.43
O7 CIT B . -13.22 7.81 0.19
C4 CIT B . -13.01 7.33 2.66
C5 CIT B . -11.55 7.75 2.74
O3 CIT B . -10.85 7.27 3.65
O4 CIT B . -11.09 8.55 1.98
C6 CIT B . -13.91 9.41 1.75
O5 CIT B . -14.36 9.79 2.89
O6 CIT B . -13.55 10.26 0.83
C1 CIT C . -13.01 3.99 13.28
O1 CIT C . -13.74 4.25 14.27
O2 CIT C . -13.47 3.72 12.15
C2 CIT C . -11.50 4.04 13.44
C3 CIT C . -10.76 3.14 12.45
O7 CIT C . -11.07 3.48 11.11
C4 CIT C . -9.27 3.29 12.65
C5 CIT C . -8.42 2.19 12.06
O3 CIT C . -7.22 2.28 12.30
O4 CIT C . -8.90 1.28 11.36
C6 CIT C . -11.18 1.72 12.70
O5 CIT C . -10.86 1.25 13.82
O6 CIT C . -11.79 1.07 11.81
O2 6UA D . -6.55 2.37 4.02
C2 6UA D . -6.92 2.91 2.94
N3 6UA D . -6.26 2.64 1.79
C4 6UA D . -6.68 3.19 0.62
O4 6UA D . -6.08 2.73 -0.45
N1 6UA D . -7.94 3.79 2.93
C6 6UA D . -8.35 4.37 1.79
N6 6UA D . -9.38 5.23 1.92
C5 6UA D . -7.72 4.08 0.59
S DMS E . -24.85 -5.68 -9.84
O DMS E . -23.53 -6.16 -10.37
C1 DMS E . -25.88 -7.01 -9.51
C2 DMS E . -24.54 -5.11 -8.26
S DMS F . -15.94 -6.18 -10.89
O DMS F . -16.81 -5.60 -9.83
C1 DMS F . -16.48 -5.56 -12.39
C2 DMS F . -14.42 -5.39 -10.73
S DMS G . 6.72 -0.43 -13.00
O DMS G . 6.86 1.06 -13.19
C1 DMS G . 5.06 -0.79 -13.01
C2 DMS G . 7.19 -1.12 -14.49
S DMS H . -9.36 18.54 -2.84
O DMS H . -9.95 17.92 -4.00
C1 DMS H . -9.20 17.79 -1.33
C2 DMS H . -8.03 19.56 -3.34
S DMS I . 4.26 -7.92 -14.09
O DMS I . 5.12 -8.78 -15.00
C1 DMS I . 5.11 -6.45 -13.87
C2 DMS I . 2.92 -7.39 -15.00
CL CL J . -21.79 -4.52 -5.06
C1 IPA K . 15.23 6.87 -10.48
C2 IPA K . 14.01 6.71 -9.62
C3 IPA K . 12.79 7.19 -10.38
O2 IPA K . 13.87 5.33 -9.52
#